data_4NW3
#
_entry.id   4NW3
#
_cell.length_a   70.327
_cell.length_b   40.225
_cell.length_c   60.959
_cell.angle_alpha   90.000
_cell.angle_beta   93.510
_cell.angle_gamma   90.000
#
_symmetry.space_group_name_H-M   'C 1 2 1'
#
loop_
_entity.id
_entity.type
_entity.pdbx_description
1 polymer 'Histone-lysine N-methyltransferase 2A'
2 polymer "5'-D(*GP*CP*CP*AP*TP*CP*GP*AP*TP*GP*GP*C)-3'"
3 non-polymer 'ZINC ION'
#
loop_
_entity_poly.entity_id
_entity_poly.type
_entity_poly.pdbx_seq_one_letter_code
_entity_poly.pdbx_strand_id
1 'polypeptide(L)' MHHHHHHSSGRENLYFQGKKGRRSRRCGQCPGCQVPEDCGVCTNCLDKPKFGGRNIKKQCCKMRKCQNLQWMPSKA A
2 'polydeoxyribonucleotide' (DG)(DC)(DC)(DA)(DT)(DC)(DG)(DA)(DT)(DG)(DG)(DC) B,C
#
# COMPACT_ATOMS: atom_id res chain seq x y z
N ARG A 22 7.68 -8.68 16.19
CA ARG A 22 8.85 -8.39 15.29
C ARG A 22 8.51 -7.59 13.99
N ARG A 23 7.23 -7.24 13.78
CA ARG A 23 6.78 -6.53 12.55
C ARG A 23 5.53 -5.65 12.87
N SER A 24 4.78 -5.26 11.82
CA SER A 24 3.59 -4.40 11.97
C SER A 24 2.43 -4.78 11.00
N ARG A 25 1.23 -4.24 11.30
CA ARG A 25 0.00 -4.54 10.54
C ARG A 25 -0.93 -3.31 10.52
N ARG A 26 -1.85 -3.29 9.55
CA ARG A 26 -2.85 -2.20 9.40
C ARG A 26 -3.70 -2.04 10.66
N CYS A 27 -4.16 -0.81 10.92
CA CYS A 27 -5.10 -0.57 11.99
C CYS A 27 -6.53 -0.61 11.45
N GLY A 28 -6.64 -0.53 10.12
CA GLY A 28 -7.93 -0.67 9.44
C GLY A 28 -8.92 0.43 9.76
N GLN A 29 -8.44 1.53 10.33
CA GLN A 29 -9.32 2.60 10.84
C GLN A 29 -8.85 4.01 10.45
N CYS A 30 -7.73 4.10 9.73
CA CYS A 30 -7.19 5.39 9.28
C CYS A 30 -7.44 5.59 7.77
N PRO A 31 -7.33 6.84 7.26
CA PRO A 31 -7.56 7.08 5.83
C PRO A 31 -6.99 6.00 4.88
N GLY A 32 -5.67 5.76 4.93
CA GLY A 32 -5.00 4.77 4.07
C GLY A 32 -5.58 3.38 4.15
N CYS A 33 -6.05 3.02 5.34
CA CYS A 33 -6.70 1.74 5.57
C CYS A 33 -8.15 1.73 5.08
N GLN A 34 -8.82 2.90 5.08
CA GLN A 34 -10.20 3.03 4.54
C GLN A 34 -10.20 2.81 3.02
N VAL A 35 -9.26 3.43 2.31
CA VAL A 35 -9.13 3.28 0.84
C VAL A 35 -9.09 1.77 0.45
N PRO A 36 -9.99 1.36 -0.47
CA PRO A 36 -10.18 -0.08 -0.73
C PRO A 36 -9.49 -0.69 -1.98
N GLU A 37 -9.00 0.14 -2.91
CA GLU A 37 -8.44 -0.35 -4.16
C GLU A 37 -7.19 0.41 -4.50
N ASP A 38 -6.22 -0.29 -5.10
CA ASP A 38 -4.96 0.30 -5.56
C ASP A 38 -5.27 1.32 -6.64
N CYS A 39 -4.51 2.43 -6.68
CA CYS A 39 -4.87 3.57 -7.57
C CYS A 39 -4.42 3.38 -9.00
N GLY A 40 -3.35 2.60 -9.20
CA GLY A 40 -2.86 2.29 -10.53
C GLY A 40 -1.98 3.38 -11.12
N VAL A 41 -2.16 4.61 -10.68
CA VAL A 41 -1.44 5.77 -11.23
C VAL A 41 -0.16 6.20 -10.46
N CYS A 42 -0.06 5.85 -9.16
CA CYS A 42 1.11 6.28 -8.36
C CYS A 42 2.36 5.45 -8.64
N THR A 43 3.49 5.94 -8.15
CA THR A 43 4.80 5.29 -8.30
C THR A 43 4.74 3.82 -7.89
N ASN A 44 4.18 3.58 -6.71
CA ASN A 44 4.11 2.24 -6.15
C ASN A 44 3.14 1.34 -6.93
N CYS A 45 2.01 1.87 -7.37
CA CYS A 45 1.09 1.04 -8.15
C CYS A 45 1.67 0.63 -9.49
N LEU A 46 2.46 1.49 -10.11
CA LEU A 46 3.03 1.15 -11.43
C LEU A 46 4.14 0.07 -11.36
N ASP A 47 4.75 -0.11 -10.18
CA ASP A 47 5.75 -1.17 -9.96
C ASP A 47 5.08 -2.55 -9.89
N LYS A 48 3.79 -2.55 -9.60
CA LYS A 48 3.01 -3.78 -9.48
C LYS A 48 2.84 -4.50 -10.84
N PRO A 49 3.23 -5.80 -10.92
CA PRO A 49 3.04 -6.54 -12.17
C PRO A 49 1.58 -6.52 -12.65
N LYS A 50 0.63 -6.39 -11.70
CA LYS A 50 -0.80 -6.16 -12.01
C LYS A 50 -0.97 -4.98 -13.00
N PHE A 51 -0.29 -3.86 -12.70
CA PHE A 51 -0.31 -2.64 -13.56
C PHE A 51 0.89 -2.58 -14.51
N GLY A 52 1.52 -3.74 -14.73
CA GLY A 52 2.57 -3.93 -15.74
C GLY A 52 3.99 -3.58 -15.33
N GLY A 53 4.26 -3.56 -14.03
CA GLY A 53 5.60 -3.27 -13.51
C GLY A 53 6.43 -4.52 -13.38
N ARG A 54 7.70 -4.34 -13.06
CA ARG A 54 8.60 -5.46 -12.84
C ARG A 54 8.76 -5.75 -11.36
N ASN A 55 7.97 -5.07 -10.53
CA ASN A 55 7.96 -5.34 -9.13
C ASN A 55 9.36 -5.29 -8.53
N ILE A 56 9.93 -4.10 -8.52
CA ILE A 56 11.24 -3.88 -7.90
C ILE A 56 11.10 -3.13 -6.57
N LYS A 57 10.10 -2.23 -6.51
CA LYS A 57 9.87 -1.36 -5.37
C LYS A 57 9.19 -2.07 -4.18
N LYS A 58 8.35 -3.06 -4.51
CA LYS A 58 7.61 -3.90 -3.52
C LYS A 58 7.03 -3.12 -2.30
N GLN A 59 6.31 -2.01 -2.54
CA GLN A 59 5.66 -1.24 -1.44
C GLN A 59 4.17 -1.04 -1.74
N CYS A 60 3.39 -0.76 -0.69
CA CYS A 60 1.94 -0.61 -0.86
C CYS A 60 1.60 0.66 -1.59
N CYS A 61 0.42 0.70 -2.19
CA CYS A 61 -0.01 1.84 -2.97
C CYS A 61 0.18 3.14 -2.19
N LYS A 62 0.70 4.16 -2.85
CA LYS A 62 0.99 5.42 -2.16
C LYS A 62 -0.26 6.01 -1.44
N MET A 63 -1.46 5.67 -1.93
CA MET A 63 -2.73 6.13 -1.31
C MET A 63 -3.20 5.21 -0.20
N ARG A 64 -2.53 4.09 0.01
CA ARG A 64 -3.00 3.10 0.97
C ARG A 64 -2.15 2.93 2.24
N LYS A 65 -1.04 3.67 2.36
CA LYS A 65 -0.12 3.54 3.52
C LYS A 65 -0.83 3.79 4.84
N CYS A 66 -0.63 2.89 5.78
CA CYS A 66 -1.30 3.01 7.05
C CYS A 66 -0.58 4.05 7.91
N GLN A 67 -1.38 4.93 8.49
CA GLN A 67 -0.86 6.06 9.23
C GLN A 67 -0.49 5.73 10.69
N ASN A 68 -1.19 4.77 11.31
CA ASN A 68 -0.88 4.33 12.69
C ASN A 68 -0.78 2.80 12.80
N LEU A 69 0.17 2.23 12.06
CA LEU A 69 0.45 0.76 12.05
C LEU A 69 0.65 0.19 13.47
N GLN A 70 0.10 -1.01 13.72
CA GLN A 70 0.11 -1.63 15.06
C GLN A 70 1.19 -2.76 15.21
N TRP A 71 1.73 -2.88 16.44
CA TRP A 71 2.90 -3.76 16.74
C TRP A 71 2.52 -5.22 17.03
N MET A 72 3.32 -6.14 16.49
CA MET A 72 3.10 -7.59 16.64
C MET A 72 4.33 -8.24 17.24
#